data_1AM9
#
_entry.id   1AM9
#
_cell.length_a   94.630
_cell.length_b   94.630
_cell.length_c   459.100
_cell.angle_alpha   90.00
_cell.angle_beta   90.00
_cell.angle_gamma   120.00
#
_symmetry.space_group_name_H-M   'P 61 2 2'
#
loop_
_entity.id
_entity.type
_entity.pdbx_description
1 polymer "DNA (5'-D(*TP*TP*GP*CP*AP*GP*TP*GP*GP*GP*GP*TP*GP*AP*TP*CP*T )-3')"
2 polymer "DNA (5'-D(*CP*AP*TP*GP*AP*GP*AP*TP*CP*AP*CP*CP*CP*CP*AP*CP*T P*GP*CP*AP*A)-3')"
3 polymer 'PROTEIN (STEROL REGULATORY ELEMENT BINDING PROTEIN 1A)'
4 non-polymer 'MAGNESIUM ION'
5 water water
#
loop_
_entity_poly.entity_id
_entity_poly.type
_entity_poly.pdbx_seq_one_letter_code
_entity_poly.pdbx_strand_id
1 'polydeoxyribonucleotide' (DT)(DT)(DG)(DC)(DA)(DG)(DT)(DG)(DG)(DG)(DG)(DT)(DG)(DA)(DT)(DC)(DT) E,G
2 'polydeoxyribonucleotide'
;(DC)(DA)(DT)(DG)(DA)(DG)(DA)(DT)(DC)(DA)(DC)(DC)(DC)(DC)(DA)(DC)(DT)(DG)(DC)(DA)
(DA)
;
F,H
3 'polypeptide(L)'
;QSRGEKRTAHNAIEKRYRSSINDKIIELKDLVVGTEAKLNKSAVLRKAIDYIRFLQHSNQKLKQENLSLRTAVHKSKSLK
DL
;
A,B,C,D
#
# COMPACT_ATOMS: atom_id res chain seq x y z
N GLN E 1 -0.63 -13.03 -26.12
CA GLN E 1 -1.35 -12.05 -27.00
C GLN E 1 -0.45 -10.92 -27.47
N SER E 2 -0.33 -10.79 -28.79
CA SER E 2 0.46 -9.74 -29.45
C SER E 2 -0.34 -8.44 -29.36
N ARG E 3 0.28 -7.30 -29.64
CA ARG E 3 -0.47 -6.05 -29.56
C ARG E 3 -1.74 -6.23 -30.36
N GLY E 4 -1.59 -6.81 -31.54
CA GLY E 4 -2.72 -7.01 -32.42
C GLY E 4 -3.78 -7.87 -31.82
N GLU E 5 -3.37 -8.92 -31.10
CA GLU E 5 -4.34 -9.81 -30.48
C GLU E 5 -4.97 -9.17 -29.27
N LYS E 6 -4.13 -8.54 -28.47
CA LYS E 6 -4.56 -7.86 -27.28
C LYS E 6 -5.63 -6.82 -27.69
N ARG E 7 -5.38 -6.13 -28.79
CA ARG E 7 -6.28 -5.10 -29.33
C ARG E 7 -7.62 -5.68 -29.66
N THR E 8 -7.60 -6.72 -30.45
CA THR E 8 -8.82 -7.34 -30.83
C THR E 8 -9.58 -7.84 -29.61
N ALA E 9 -8.84 -8.34 -28.63
CA ALA E 9 -9.48 -8.88 -27.43
C ALA E 9 -10.09 -7.75 -26.64
N HIS E 10 -9.31 -6.71 -26.45
CA HIS E 10 -9.74 -5.58 -25.70
C HIS E 10 -11.06 -5.01 -26.17
N ASN E 11 -11.23 -4.96 -27.50
CA ASN E 11 -12.43 -4.41 -28.09
C ASN E 11 -13.62 -5.27 -27.71
N ALA E 12 -13.41 -6.58 -27.58
CA ALA E 12 -14.50 -7.47 -27.21
C ALA E 12 -14.82 -7.38 -25.71
N ILE E 13 -13.76 -7.10 -24.94
CA ILE E 13 -13.85 -6.95 -23.48
C ILE E 13 -14.65 -5.64 -23.22
N GLU E 14 -14.28 -4.61 -23.97
CA GLU E 14 -14.91 -3.32 -23.89
C GLU E 14 -16.35 -3.41 -24.39
N LYS E 15 -16.63 -4.40 -25.22
CA LYS E 15 -17.99 -4.54 -25.69
C LYS E 15 -18.79 -5.04 -24.52
N ARG E 16 -18.22 -6.02 -23.82
CA ARG E 16 -18.81 -6.62 -22.62
C ARG E 16 -18.99 -5.55 -21.51
N TYR E 17 -18.00 -4.68 -21.38
CA TYR E 17 -18.00 -3.58 -20.42
C TYR E 17 -19.20 -2.68 -20.63
N ARG E 18 -19.31 -2.12 -21.83
CA ARG E 18 -20.42 -1.27 -22.20
C ARG E 18 -21.76 -1.89 -21.91
N SER E 19 -21.90 -3.15 -22.27
CA SER E 19 -23.13 -3.86 -22.04
C SER E 19 -23.45 -3.98 -20.56
N SER E 20 -22.40 -4.14 -19.72
CA SER E 20 -22.58 -4.28 -18.27
C SER E 20 -23.17 -3.03 -17.67
N ILE E 21 -23.05 -1.93 -18.39
CA ILE E 21 -23.56 -0.65 -17.94
C ILE E 21 -24.87 -0.34 -18.66
N ASN E 22 -24.84 -0.42 -19.99
CA ASN E 22 -26.01 -0.10 -20.79
C ASN E 22 -27.15 -1.03 -20.50
N ASP E 23 -26.86 -2.30 -20.30
CA ASP E 23 -27.91 -3.25 -20.01
C ASP E 23 -28.63 -2.91 -18.73
N LYS E 24 -27.89 -2.32 -17.80
CA LYS E 24 -28.42 -1.91 -16.50
C LYS E 24 -29.14 -0.60 -16.58
N ILE E 25 -28.67 0.30 -17.43
CA ILE E 25 -29.36 1.57 -17.56
C ILE E 25 -30.74 1.29 -18.18
N ILE E 26 -30.87 0.23 -18.97
CA ILE E 26 -32.18 -0.06 -19.54
C ILE E 26 -33.10 -0.78 -18.54
N GLU E 27 -32.50 -1.45 -17.56
CA GLU E 27 -33.23 -2.14 -16.48
C GLU E 27 -33.79 -1.02 -15.62
N LEU E 28 -33.01 0.03 -15.44
CA LEU E 28 -33.45 1.21 -14.68
C LEU E 28 -34.49 1.97 -15.46
N LYS E 29 -34.31 2.08 -16.77
CA LYS E 29 -35.30 2.77 -17.60
C LYS E 29 -36.65 2.10 -17.42
N ASP E 30 -36.68 0.79 -17.58
CA ASP E 30 -37.91 0.06 -17.42
C ASP E 30 -38.54 0.25 -16.05
N LEU E 31 -37.74 0.49 -15.02
CA LEU E 31 -38.27 0.69 -13.67
C LEU E 31 -38.86 2.07 -13.46
N VAL E 32 -38.28 3.07 -14.10
CA VAL E 32 -38.73 4.44 -13.94
C VAL E 32 -39.77 4.91 -14.95
N VAL E 33 -39.71 4.40 -16.18
CA VAL E 33 -40.67 4.81 -17.19
C VAL E 33 -41.37 3.67 -17.93
N GLY E 34 -40.92 2.45 -17.71
CA GLY E 34 -41.58 1.33 -18.35
C GLY E 34 -40.85 0.68 -19.49
N THR E 35 -41.22 -0.57 -19.73
CA THR E 35 -40.63 -1.36 -20.78
C THR E 35 -40.75 -0.65 -22.13
N GLU E 36 -41.95 -0.17 -22.45
CA GLU E 36 -42.26 0.47 -23.74
C GLU E 36 -41.70 1.86 -24.00
N ALA E 37 -41.66 2.70 -22.98
CA ALA E 37 -41.14 4.07 -23.15
C ALA E 37 -39.65 4.11 -23.53
N LYS E 38 -39.22 5.20 -24.14
CA LYS E 38 -37.82 5.33 -24.48
C LYS E 38 -37.44 6.65 -23.86
N LEU E 39 -36.33 6.66 -23.13
CA LEU E 39 -35.82 7.86 -22.47
C LEU E 39 -34.32 7.71 -22.56
N ASN E 40 -33.59 8.82 -22.66
CA ASN E 40 -32.14 8.80 -22.76
C ASN E 40 -31.46 8.46 -21.43
N LYS E 41 -30.22 8.01 -21.53
CA LYS E 41 -29.41 7.58 -20.39
C LYS E 41 -29.36 8.49 -19.18
N SER E 42 -29.00 9.75 -19.35
CA SER E 42 -28.91 10.63 -18.18
C SER E 42 -30.24 10.94 -17.48
N ALA E 43 -31.32 10.89 -18.27
CA ALA E 43 -32.65 11.19 -17.75
C ALA E 43 -33.17 9.97 -17.03
N VAL E 44 -32.73 8.81 -17.47
CA VAL E 44 -33.10 7.56 -16.83
C VAL E 44 -32.44 7.55 -15.45
N LEU E 45 -31.15 7.90 -15.37
CA LEU E 45 -30.45 7.91 -14.11
C LEU E 45 -30.98 8.99 -13.20
N ARG E 46 -31.28 10.15 -13.74
CA ARG E 46 -31.84 11.22 -12.92
C ARG E 46 -33.14 10.74 -12.29
N LYS E 47 -33.93 10.00 -13.07
CA LYS E 47 -35.22 9.48 -12.62
C LYS E 47 -35.05 8.41 -11.56
N ALA E 48 -34.06 7.53 -11.77
CA ALA E 48 -33.71 6.45 -10.85
C ALA E 48 -33.38 7.03 -9.47
N ILE E 49 -32.54 8.07 -9.47
CA ILE E 49 -32.14 8.78 -8.25
C ILE E 49 -33.32 9.33 -7.49
N ASP E 50 -34.17 10.06 -8.19
CA ASP E 50 -35.35 10.66 -7.56
C ASP E 50 -36.38 9.62 -7.17
N TYR E 51 -36.48 8.56 -7.96
CA TYR E 51 -37.42 7.48 -7.66
C TYR E 51 -36.96 6.79 -6.38
N ILE E 52 -35.66 6.47 -6.25
CA ILE E 52 -35.16 5.83 -5.04
C ILE E 52 -35.51 6.72 -3.85
N ARG E 53 -35.18 8.00 -3.91
CA ARG E 53 -35.50 8.89 -2.80
C ARG E 53 -36.97 8.88 -2.49
N PHE E 54 -37.78 8.77 -3.52
CA PHE E 54 -39.20 8.76 -3.28
C PHE E 54 -39.58 7.44 -2.62
N LEU E 55 -38.98 6.34 -3.05
CA LEU E 55 -39.28 5.00 -2.50
C LEU E 55 -38.88 4.94 -1.06
N GLN E 56 -37.76 5.59 -0.74
CA GLN E 56 -37.25 5.67 0.61
C GLN E 56 -38.19 6.47 1.46
N HIS E 57 -38.58 7.64 0.98
CA HIS E 57 -39.48 8.48 1.75
C HIS E 57 -40.84 7.82 1.98
N SER E 58 -41.31 7.11 0.97
CA SER E 58 -42.58 6.39 0.98
C SER E 58 -42.50 5.26 2.00
N ASN E 59 -41.45 4.47 1.95
CA ASN E 59 -41.26 3.39 2.87
C ASN E 59 -41.38 3.93 4.30
N GLN E 60 -40.70 5.03 4.60
CA GLN E 60 -40.79 5.59 5.92
C GLN E 60 -42.22 5.97 6.24
N LYS E 61 -42.88 6.61 5.28
CA LYS E 61 -44.27 7.02 5.45
C LYS E 61 -45.15 5.82 5.71
N LEU E 62 -44.98 4.79 4.90
CA LEU E 62 -45.74 3.57 4.98
C LEU E 62 -45.54 2.83 6.31
N LYS E 63 -44.32 2.86 6.83
CA LYS E 63 -44.05 2.18 8.07
C LYS E 63 -44.71 2.93 9.19
N GLN E 64 -44.64 4.26 9.16
CA GLN E 64 -45.27 5.03 10.22
C GLN E 64 -46.77 4.76 10.21
N GLU E 65 -47.35 4.71 9.01
CA GLU E 65 -48.77 4.48 8.86
C GLU E 65 -49.15 3.11 9.38
N ASN E 66 -48.32 2.14 9.04
CA ASN E 66 -48.52 0.76 9.46
C ASN E 66 -48.58 0.70 10.99
N LEU E 67 -47.69 1.44 11.64
CA LEU E 67 -47.65 1.46 13.10
C LEU E 67 -48.90 2.11 13.64
N SER E 68 -49.28 3.26 13.11
CA SER E 68 -50.50 3.92 13.56
C SER E 68 -51.72 3.04 13.34
N LEU E 69 -51.80 2.36 12.21
CA LEU E 69 -52.93 1.50 11.97
C LEU E 69 -52.91 0.42 13.04
N ARG E 70 -51.73 -0.13 13.31
CA ARG E 70 -51.55 -1.20 14.30
C ARG E 70 -51.88 -0.74 15.71
N THR E 71 -51.51 0.49 16.04
CA THR E 71 -51.81 1.04 17.36
C THR E 71 -53.28 1.40 17.47
N ALA E 72 -53.92 1.58 16.32
CA ALA E 72 -55.33 1.90 16.23
C ALA E 72 -56.10 0.64 16.56
N VAL E 73 -55.85 -0.40 15.78
CA VAL E 73 -56.49 -1.70 15.96
C VAL E 73 -56.39 -2.16 17.41
N HIS E 74 -55.22 -2.01 18.00
CA HIS E 74 -55.00 -2.39 19.38
C HIS E 74 -55.99 -1.72 20.29
N LYS E 75 -56.01 -0.39 20.29
CA LYS E 75 -56.92 0.38 21.15
C LYS E 75 -58.38 -0.03 20.89
N SER E 76 -58.64 -0.36 19.64
CA SER E 76 -59.96 -0.79 19.18
C SER E 76 -60.40 -2.05 19.89
N LYS E 77 -59.65 -2.46 20.92
CA LYS E 77 -59.92 -3.66 21.71
C LYS E 77 -59.44 -3.35 23.13
N SER E 78 -58.19 -2.92 23.22
CA SER E 78 -57.54 -2.57 24.48
C SER E 78 -58.24 -1.52 25.38
N LEU E 79 -59.51 -1.24 25.09
CA LEU E 79 -60.27 -0.27 25.88
C LEU E 79 -60.77 -0.96 27.16
N LYS E 80 -60.14 -0.64 28.29
CA LYS E 80 -60.50 -1.22 29.59
C LYS E 80 -61.58 -0.41 30.33
N SER F 2 -9.98 22.59 -39.20
CA SER F 2 -11.41 22.68 -38.82
C SER F 2 -12.14 21.34 -38.73
N ARG F 3 -11.67 20.32 -39.44
CA ARG F 3 -12.30 19.01 -39.28
C ARG F 3 -11.88 18.82 -37.83
N GLY F 4 -10.58 19.01 -37.62
CA GLY F 4 -9.99 18.90 -36.31
C GLY F 4 -10.57 19.90 -35.31
N GLU F 5 -10.67 21.18 -35.68
CA GLU F 5 -11.21 22.18 -34.75
C GLU F 5 -12.64 21.81 -34.41
N LYS F 6 -13.36 21.28 -35.39
CA LYS F 6 -14.72 20.88 -35.15
C LYS F 6 -14.69 19.72 -34.17
N ARG F 7 -13.73 18.81 -34.35
CA ARG F 7 -13.58 17.66 -33.46
C ARG F 7 -13.34 18.11 -32.04
N THR F 8 -12.35 18.97 -31.84
CA THR F 8 -12.01 19.48 -30.52
C THR F 8 -13.20 20.07 -29.83
N ALA F 9 -13.92 20.88 -30.59
CA ALA F 9 -15.09 21.53 -30.05
C ALA F 9 -16.11 20.44 -29.65
N HIS F 10 -16.39 19.50 -30.55
CA HIS F 10 -17.36 18.50 -30.21
C HIS F 10 -16.89 17.63 -29.04
N ASN F 11 -15.58 17.43 -28.95
CA ASN F 11 -15.00 16.65 -27.87
C ASN F 11 -15.43 17.29 -26.58
N ALA F 12 -15.44 18.62 -26.51
CA ALA F 12 -15.90 19.31 -25.29
C ALA F 12 -17.37 19.02 -25.05
N ILE F 13 -18.12 18.90 -26.13
CA ILE F 13 -19.53 18.63 -26.02
C ILE F 13 -19.72 17.23 -25.49
N GLU F 14 -18.93 16.28 -26.01
CA GLU F 14 -19.00 14.89 -25.59
C GLU F 14 -18.61 14.69 -24.13
N LYS F 15 -17.67 15.49 -23.61
CA LYS F 15 -17.27 15.37 -22.23
C LYS F 15 -18.43 15.82 -21.33
N ARG F 16 -19.07 16.91 -21.73
CA ARG F 16 -20.21 17.44 -21.02
C ARG F 16 -21.26 16.33 -20.96
N TYR F 17 -21.44 15.66 -22.08
CA TYR F 17 -22.42 14.56 -22.18
C TYR F 17 -22.07 13.37 -21.28
N ARG F 18 -20.83 12.91 -21.38
CA ARG F 18 -20.34 11.81 -20.56
C ARG F 18 -20.57 12.16 -19.10
N SER F 19 -20.28 13.40 -18.75
CA SER F 19 -20.47 13.86 -17.40
C SER F 19 -21.94 13.86 -17.02
N SER F 20 -22.83 14.07 -17.97
CA SER F 20 -24.25 14.08 -17.66
C SER F 20 -24.74 12.73 -17.18
N ILE F 21 -24.03 11.68 -17.60
CA ILE F 21 -24.35 10.29 -17.20
C ILE F 21 -23.52 9.94 -15.95
N ASN F 22 -22.22 10.18 -16.03
CA ASN F 22 -21.35 9.90 -14.93
C ASN F 22 -21.70 10.57 -13.63
N ASP F 23 -22.10 11.83 -13.64
CA ASP F 23 -22.42 12.51 -12.39
C ASP F 23 -23.66 11.90 -11.77
N LYS F 24 -24.50 11.29 -12.59
CA LYS F 24 -25.70 10.69 -12.04
C LYS F 24 -25.35 9.38 -11.39
N ILE F 25 -24.45 8.64 -12.01
CA ILE F 25 -24.01 7.35 -11.47
C ILE F 25 -23.37 7.60 -10.09
N ILE F 26 -22.62 8.70 -9.99
CA ILE F 26 -21.98 9.06 -8.74
C ILE F 26 -23.06 9.34 -7.70
N GLU F 27 -24.15 10.00 -8.09
CA GLU F 27 -25.25 10.27 -7.16
C GLU F 27 -25.93 8.97 -6.77
N LEU F 28 -26.16 8.12 -7.75
CA LEU F 28 -26.79 6.86 -7.46
C LEU F 28 -25.89 6.11 -6.49
N LYS F 29 -24.58 6.17 -6.72
CA LYS F 29 -23.58 5.49 -5.91
C LYS F 29 -23.56 5.99 -4.44
N ASP F 30 -23.65 7.29 -4.27
CA ASP F 30 -23.67 7.90 -2.97
C ASP F 30 -24.91 7.44 -2.22
N LEU F 31 -25.96 7.18 -2.97
CA LEU F 31 -27.22 6.72 -2.45
C LEU F 31 -27.21 5.30 -2.02
N VAL F 32 -26.50 4.44 -2.75
CA VAL F 32 -26.49 3.03 -2.42
C VAL F 32 -25.27 2.51 -1.65
N VAL F 33 -24.17 3.23 -1.61
CA VAL F 33 -23.05 2.69 -0.85
C VAL F 33 -22.38 3.81 -0.17
N GLY F 34 -22.90 5.00 -0.41
CA GLY F 34 -22.31 6.16 0.23
C GLY F 34 -21.10 6.71 -0.50
N THR F 35 -20.60 7.77 0.12
CA THR F 35 -19.50 8.56 -0.36
C THR F 35 -18.08 8.03 -0.19
N GLU F 36 -17.79 7.38 0.93
CA GLU F 36 -16.44 6.90 1.18
C GLU F 36 -16.10 5.72 0.32
N ALA F 37 -17.10 4.93 -0.03
CA ALA F 37 -16.84 3.75 -0.85
C ALA F 37 -16.33 4.06 -2.26
N LYS F 38 -15.77 3.02 -2.86
CA LYS F 38 -15.26 3.08 -4.21
C LYS F 38 -16.00 1.90 -4.79
N LEU F 39 -16.71 2.12 -5.87
CA LEU F 39 -17.48 1.06 -6.49
C LEU F 39 -17.58 1.44 -7.98
N ASN F 40 -17.43 0.44 -8.86
CA ASN F 40 -17.46 0.69 -10.28
C ASN F 40 -18.88 0.92 -10.76
N LYS F 41 -18.98 1.59 -11.91
CA LYS F 41 -20.25 1.93 -12.51
C LYS F 41 -21.31 0.87 -12.55
N SER F 42 -21.00 -0.31 -13.07
CA SER F 42 -22.02 -1.33 -13.17
C SER F 42 -22.57 -1.86 -11.85
N ALA F 43 -21.76 -1.79 -10.81
CA ALA F 43 -22.16 -2.29 -9.51
C ALA F 43 -23.09 -1.27 -8.91
N VAL F 44 -22.82 -0.01 -9.19
CA VAL F 44 -23.65 1.08 -8.71
C VAL F 44 -25.04 0.92 -9.30
N LEU F 45 -25.09 0.62 -10.59
CA LEU F 45 -26.35 0.43 -11.31
C LEU F 45 -27.06 -0.85 -10.87
N ARG F 46 -26.30 -1.94 -10.71
CA ARG F 46 -26.83 -3.23 -10.25
C ARG F 46 -27.51 -3.06 -8.88
N LYS F 47 -26.84 -2.32 -8.01
CA LYS F 47 -27.35 -2.05 -6.67
C LYS F 47 -28.58 -1.20 -6.76
N ALA F 48 -28.50 -0.11 -7.50
CA ALA F 48 -29.61 0.81 -7.69
C ALA F 48 -30.84 0.01 -8.13
N ILE F 49 -30.67 -0.79 -9.17
CA ILE F 49 -31.76 -1.61 -9.69
C ILE F 49 -32.30 -2.49 -8.57
N ASP F 50 -31.42 -3.22 -7.92
CA ASP F 50 -31.85 -4.13 -6.87
C ASP F 50 -32.48 -3.40 -5.71
N TYR F 51 -31.97 -2.21 -5.42
CA TYR F 51 -32.49 -1.42 -4.31
C TYR F 51 -33.87 -0.94 -4.56
N ILE F 52 -34.13 -0.53 -5.79
CA ILE F 52 -35.43 -0.05 -6.22
C ILE F 52 -36.42 -1.19 -6.13
N ARG F 53 -36.03 -2.34 -6.65
CA ARG F 53 -36.88 -3.53 -6.62
C ARG F 53 -37.17 -3.93 -5.19
N PHE F 54 -36.17 -3.79 -4.34
CA PHE F 54 -36.31 -4.11 -2.94
C PHE F 54 -37.35 -3.20 -2.27
N LEU F 55 -37.18 -1.88 -2.43
CA LEU F 55 -38.10 -0.91 -1.84
C LEU F 55 -39.45 -1.03 -2.48
N GLN F 56 -39.49 -1.43 -3.74
CA GLN F 56 -40.76 -1.56 -4.38
C GLN F 56 -41.54 -2.66 -3.69
N HIS F 57 -40.91 -3.80 -3.51
CA HIS F 57 -41.58 -4.89 -2.81
C HIS F 57 -41.89 -4.55 -1.37
N SER F 58 -40.99 -3.87 -0.68
CA SER F 58 -41.22 -3.50 0.71
C SER F 58 -42.40 -2.57 0.88
N ASN F 59 -42.53 -1.65 -0.04
CA ASN F 59 -43.59 -0.71 0.02
C ASN F 59 -44.90 -1.39 -0.36
N GLN F 60 -44.87 -2.33 -1.31
CA GLN F 60 -46.11 -3.02 -1.72
C GLN F 60 -46.58 -3.72 -0.47
N LYS F 61 -45.76 -4.65 0.00
CA LYS F 61 -46.11 -5.41 1.19
C LYS F 61 -46.65 -4.52 2.29
N LEU F 62 -46.00 -3.40 2.54
CA LEU F 62 -46.45 -2.48 3.57
C LEU F 62 -47.81 -1.88 3.26
N LYS F 63 -48.06 -1.62 1.98
CA LYS F 63 -49.33 -1.06 1.54
C LYS F 63 -50.47 -2.08 1.62
N GLN F 64 -50.17 -3.33 1.33
CA GLN F 64 -51.20 -4.35 1.39
C GLN F 64 -51.53 -4.61 2.85
N GLU F 65 -50.49 -4.58 3.68
CA GLU F 65 -50.66 -4.77 5.11
C GLU F 65 -51.41 -3.60 5.71
N ASN F 66 -51.12 -2.39 5.25
CA ASN F 66 -51.83 -1.21 5.75
C ASN F 66 -53.28 -1.30 5.27
N LEU F 67 -53.44 -1.93 4.12
CA LEU F 67 -54.74 -2.13 3.54
C LEU F 67 -55.50 -2.98 4.55
N SER F 68 -55.02 -4.19 4.76
CA SER F 68 -55.62 -5.13 5.68
C SER F 68 -55.88 -4.54 7.04
N LEU F 69 -54.97 -3.69 7.49
CA LEU F 69 -55.10 -3.03 8.79
C LEU F 69 -56.24 -2.04 8.78
N ARG F 70 -56.37 -1.31 7.68
CA ARG F 70 -57.44 -0.34 7.58
C ARG F 70 -58.78 -1.04 7.39
N THR F 71 -58.80 -2.09 6.58
CA THR F 71 -60.01 -2.88 6.37
C THR F 71 -60.43 -3.35 7.75
N ALA F 72 -59.57 -4.09 8.45
CA ALA F 72 -59.85 -4.55 9.81
C ALA F 72 -60.47 -3.43 10.65
N VAL F 73 -59.78 -2.29 10.72
CA VAL F 73 -60.28 -1.15 11.49
C VAL F 73 -61.67 -0.73 11.02
N HIS F 74 -61.88 -0.68 9.72
CA HIS F 74 -63.17 -0.29 9.17
C HIS F 74 -64.19 -1.37 9.51
N LYS F 75 -63.82 -2.62 9.27
CA LYS F 75 -64.67 -3.76 9.54
C LYS F 75 -64.65 -4.04 11.02
N SER F 76 -64.67 -2.97 11.82
CA SER F 76 -64.67 -3.03 13.29
C SER F 76 -65.03 -1.64 13.80
N GLN G 1 6.42 -26.05 -11.54
CA GLN G 1 6.93 -26.79 -10.34
C GLN G 1 5.86 -27.49 -9.52
N SER G 2 6.14 -28.71 -9.10
CA SER G 2 5.22 -29.48 -8.28
C SER G 2 5.65 -29.15 -6.85
N ARG G 3 4.85 -29.53 -5.87
CA ARG G 3 5.18 -29.29 -4.45
C ARG G 3 6.61 -29.71 -4.09
N GLY G 4 6.98 -30.93 -4.44
CA GLY G 4 8.31 -31.41 -4.16
C GLY G 4 9.33 -30.56 -4.87
N GLU G 5 9.01 -30.16 -6.11
CA GLU G 5 9.90 -29.35 -6.90
C GLU G 5 10.09 -27.97 -6.29
N LYS G 6 9.00 -27.33 -5.87
CA LYS G 6 9.08 -26.01 -5.26
C LYS G 6 10.03 -26.12 -4.08
N ARG G 7 9.79 -27.13 -3.24
CA ARG G 7 10.58 -27.44 -2.05
C ARG G 7 12.06 -27.54 -2.41
N THR G 8 12.39 -28.49 -3.25
CA THR G 8 13.76 -28.62 -3.65
C THR G 8 14.37 -27.35 -4.21
N ALA G 9 13.60 -26.58 -4.97
CA ALA G 9 14.11 -25.35 -5.57
C ALA G 9 14.34 -24.34 -4.47
N HIS G 10 13.33 -24.24 -3.61
CA HIS G 10 13.37 -23.31 -2.48
C HIS G 10 14.54 -23.59 -1.57
N ASN G 11 14.89 -24.85 -1.43
CA ASN G 11 16.01 -25.19 -0.59
C ASN G 11 17.29 -24.71 -1.23
N ALA G 12 17.36 -24.75 -2.54
CA ALA G 12 18.56 -24.28 -3.22
C ALA G 12 18.58 -22.75 -3.17
N ILE G 13 17.39 -22.16 -3.18
CA ILE G 13 17.26 -20.71 -3.10
C ILE G 13 17.78 -20.29 -1.72
N GLU G 14 17.22 -20.91 -0.69
CA GLU G 14 17.61 -20.65 0.69
C GLU G 14 19.11 -20.91 0.96
N LYS G 15 19.72 -21.82 0.20
CA LYS G 15 21.13 -22.09 0.38
C LYS G 15 21.87 -20.86 -0.06
N ARG G 16 21.45 -20.30 -1.20
CA ARG G 16 22.04 -19.09 -1.76
C ARG G 16 21.78 -17.93 -0.80
N TYR G 17 20.62 -17.95 -0.14
CA TYR G 17 20.28 -16.91 0.82
C TYR G 17 21.25 -16.93 1.99
N ARG G 18 21.48 -18.11 2.56
CA ARG G 18 22.43 -18.24 3.63
C ARG G 18 23.81 -17.74 3.25
N SER G 19 24.35 -18.15 2.10
CA SER G 19 25.68 -17.67 1.75
C SER G 19 25.69 -16.18 1.57
N SER G 20 24.59 -15.60 1.09
CA SER G 20 24.57 -14.18 0.87
C SER G 20 24.89 -13.48 2.16
N ILE G 21 24.49 -14.08 3.27
CA ILE G 21 24.74 -13.52 4.59
C ILE G 21 26.05 -14.04 5.20
N ASN G 22 26.20 -15.36 5.27
CA ASN G 22 27.37 -15.95 5.90
C ASN G 22 28.65 -15.55 5.24
N ASP G 23 28.61 -15.30 3.95
CA ASP G 23 29.80 -14.94 3.22
C ASP G 23 30.25 -13.55 3.55
N LYS G 24 29.28 -12.70 3.89
CA LYS G 24 29.59 -11.34 4.25
C LYS G 24 30.07 -11.30 5.69
N ILE G 25 29.56 -12.18 6.54
CA ILE G 25 30.04 -12.23 7.92
C ILE G 25 31.54 -12.65 7.94
N ILE G 26 31.91 -13.56 7.05
CA ILE G 26 33.31 -14.00 6.95
C ILE G 26 34.14 -12.83 6.48
N GLU G 27 33.65 -12.11 5.48
CA GLU G 27 34.35 -10.94 4.98
C GLU G 27 34.59 -9.98 6.14
N LEU G 28 33.56 -9.72 6.94
CA LEU G 28 33.69 -8.84 8.10
C LEU G 28 34.65 -9.43 9.12
N LYS G 29 34.66 -10.76 9.25
CA LYS G 29 35.55 -11.42 10.18
C LYS G 29 36.99 -11.16 9.78
N ASP G 30 37.27 -11.30 8.51
CA ASP G 30 38.61 -11.08 8.05
C ASP G 30 39.02 -9.64 8.28
N LEU G 31 38.09 -8.72 8.17
CA LEU G 31 38.40 -7.30 8.36
C LEU G 31 38.66 -6.90 9.81
N VAL G 32 38.01 -7.58 10.73
CA VAL G 32 38.16 -7.26 12.15
C VAL G 32 39.10 -8.14 12.97
N VAL G 33 39.27 -9.40 12.60
CA VAL G 33 40.19 -10.29 13.32
C VAL G 33 41.10 -10.99 12.33
N GLY G 34 40.98 -10.62 11.07
CA GLY G 34 41.86 -11.23 10.09
C GLY G 34 41.46 -12.60 9.57
N THR G 35 42.01 -12.88 8.40
CA THR G 35 41.77 -14.10 7.63
C THR G 35 42.07 -15.38 8.39
N GLU G 36 43.08 -15.35 9.26
CA GLU G 36 43.47 -16.55 9.99
C GLU G 36 42.62 -16.86 11.24
N ALA G 37 42.18 -15.82 11.94
CA ALA G 37 41.39 -16.01 13.16
C ALA G 37 40.07 -16.71 12.93
N LYS G 38 39.46 -17.16 14.03
CA LYS G 38 38.16 -17.82 13.98
C LYS G 38 37.36 -17.09 15.05
N LEU G 39 36.16 -16.64 14.70
CA LEU G 39 35.33 -15.91 15.65
C LEU G 39 33.90 -16.17 15.27
N ASN G 40 33.02 -16.20 16.27
CA ASN G 40 31.63 -16.51 16.03
C ASN G 40 30.89 -15.32 15.46
N LYS G 41 29.81 -15.60 14.75
CA LYS G 41 29.02 -14.59 14.06
C LYS G 41 28.62 -13.33 14.82
N SER G 42 28.00 -13.46 15.99
CA SER G 42 27.60 -12.24 16.69
C SER G 42 28.77 -11.42 17.18
N ALA G 43 29.88 -12.08 17.51
CA ALA G 43 31.08 -11.42 18.00
C ALA G 43 31.76 -10.64 16.87
N VAL G 44 31.77 -11.22 15.68
CA VAL G 44 32.31 -10.61 14.48
C VAL G 44 31.48 -9.36 14.18
N LEU G 45 30.16 -9.50 14.23
CA LEU G 45 29.33 -8.34 13.97
C LEU G 45 29.54 -7.31 15.04
N ARG G 46 29.81 -7.72 16.28
CA ARG G 46 30.02 -6.75 17.35
C ARG G 46 31.31 -6.00 17.13
N LYS G 47 32.34 -6.72 16.69
CA LYS G 47 33.62 -6.08 16.41
C LYS G 47 33.49 -5.19 15.19
N ALA G 48 32.74 -5.60 14.17
CA ALA G 48 32.56 -4.77 12.98
C ALA G 48 31.88 -3.43 13.33
N ILE G 49 30.93 -3.45 14.24
CA ILE G 49 30.24 -2.23 14.62
C ILE G 49 31.18 -1.26 15.31
N ASP G 50 32.01 -1.76 16.22
CA ASP G 50 32.95 -0.91 16.94
C ASP G 50 34.16 -0.48 16.13
N TYR G 51 34.56 -1.32 15.20
CA TYR G 51 35.65 -1.02 14.30
C TYR G 51 35.17 0.13 13.40
N ILE G 52 33.97 0.04 12.84
CA ILE G 52 33.43 1.11 12.01
C ILE G 52 33.46 2.44 12.76
N ARG G 53 32.94 2.48 13.99
CA ARG G 53 32.97 3.71 14.77
C ARG G 53 34.39 4.13 15.04
N PHE G 54 35.26 3.18 15.32
CA PHE G 54 36.66 3.54 15.55
C PHE G 54 37.18 4.28 14.27
N LEU G 55 37.06 3.61 13.13
CA LEU G 55 37.47 4.12 11.83
C LEU G 55 36.81 5.43 11.56
N GLN G 56 35.57 5.61 12.01
CA GLN G 56 34.91 6.88 11.75
C GLN G 56 35.55 7.95 12.58
N HIS G 57 35.86 7.64 13.83
CA HIS G 57 36.47 8.62 14.73
C HIS G 57 37.87 8.98 14.29
N SER G 58 38.62 7.96 13.90
CA SER G 58 39.96 8.14 13.43
C SER G 58 39.87 9.06 12.23
N ASN G 59 39.03 8.73 11.26
CA ASN G 59 38.86 9.53 10.06
C ASN G 59 38.70 11.00 10.38
N GLN G 60 37.85 11.31 11.35
CA GLN G 60 37.67 12.68 11.75
C GLN G 60 38.96 13.25 12.32
N LYS G 61 39.66 12.51 13.17
CA LYS G 61 40.90 13.02 13.76
C LYS G 61 41.96 13.22 12.69
N LEU G 62 42.06 12.26 11.79
CA LEU G 62 43.01 12.28 10.71
C LEU G 62 42.76 13.51 9.82
N LYS G 63 41.49 13.82 9.59
CA LYS G 63 41.14 14.98 8.78
C LYS G 63 41.45 16.28 9.48
N GLN G 64 41.11 16.36 10.75
CA GLN G 64 41.39 17.55 11.53
C GLN G 64 42.90 17.80 11.49
N GLU G 65 43.70 16.73 11.54
CA GLU G 65 45.16 16.89 11.52
C GLU G 65 45.73 17.26 10.15
N ASN G 66 45.12 16.75 9.10
CA ASN G 66 45.52 17.02 7.74
C ASN G 66 45.33 18.52 7.47
N LEU G 67 44.21 19.07 7.91
CA LEU G 67 43.90 20.47 7.74
C LEU G 67 44.89 21.34 8.52
N SER G 68 45.22 20.90 9.73
CA SER G 68 46.16 21.64 10.55
C SER G 68 47.50 21.59 9.88
N LEU G 69 47.93 20.40 9.48
CA LEU G 69 49.20 20.26 8.81
C LEU G 69 49.24 21.17 7.57
N ARG G 70 48.16 21.18 6.80
CA ARG G 70 48.06 22.01 5.59
C ARG G 70 48.04 23.48 5.94
N THR G 71 47.34 23.83 7.00
CA THR G 71 47.30 25.21 7.38
C THR G 71 48.65 25.61 7.89
N ALA G 72 49.40 24.68 8.43
CA ALA G 72 50.71 25.00 8.95
C ALA G 72 51.69 25.29 7.82
N VAL G 73 51.83 24.37 6.86
CA VAL G 73 52.77 24.58 5.76
C VAL G 73 52.39 25.86 4.97
N HIS G 74 51.09 26.11 4.83
CA HIS G 74 50.66 27.29 4.13
C HIS G 74 51.21 28.49 4.85
N LYS G 75 50.92 28.60 6.13
CA LYS G 75 51.42 29.71 6.95
C LYS G 75 52.95 29.82 6.90
N SER G 76 53.64 28.70 6.74
CA SER G 76 55.10 28.73 6.70
C SER G 76 55.56 29.55 5.50
N LYS G 77 54.73 29.57 4.47
CA LYS G 77 55.03 30.30 3.25
C LYS G 77 54.91 31.82 3.46
N SER G 78 54.05 32.25 4.36
CA SER G 78 53.91 33.68 4.60
C SER G 78 55.13 34.35 5.21
N LEU G 79 55.78 35.20 4.43
CA LEU G 79 56.95 35.92 4.89
C LEU G 79 56.60 37.36 5.27
N LYS G 80 55.41 37.81 4.88
CA LYS G 80 54.94 39.17 5.14
C LYS G 80 55.60 39.88 6.33
N ASP G 81 56.10 41.10 6.09
CA ASP G 81 56.73 41.92 7.12
C ASP G 81 55.77 42.09 8.29
N LEU G 82 56.06 41.32 9.36
CA LEU G 82 55.30 41.29 10.61
C LEU G 82 55.89 42.27 11.63
N GLN H 1 10.97 -31.79 30.03
CA GLN H 1 11.87 -32.97 29.83
C GLN H 1 11.39 -33.89 28.70
N SER H 2 10.19 -33.65 28.21
CA SER H 2 9.72 -34.42 27.07
C SER H 2 10.63 -33.95 25.92
N ARG H 3 10.73 -34.74 24.86
CA ARG H 3 11.56 -34.34 23.72
C ARG H 3 11.04 -32.97 23.31
N GLY H 4 9.73 -32.92 23.03
CA GLY H 4 9.08 -31.68 22.63
C GLY H 4 9.25 -30.60 23.68
N GLU H 5 9.30 -30.98 24.95
CA GLU H 5 9.48 -29.98 25.99
C GLU H 5 10.89 -29.48 25.85
N LYS H 6 11.78 -30.40 25.49
CA LYS H 6 13.18 -30.08 25.31
C LYS H 6 13.43 -29.29 23.99
N ARG H 7 12.65 -29.57 22.95
CA ARG H 7 12.78 -28.88 21.67
C ARG H 7 12.30 -27.47 21.91
N THR H 8 11.18 -27.33 22.60
CA THR H 8 10.64 -26.02 22.86
C THR H 8 11.59 -25.14 23.66
N ALA H 9 12.20 -25.74 24.68
CA ALA H 9 13.15 -25.00 25.51
C ALA H 9 14.31 -24.55 24.64
N HIS H 10 14.89 -25.46 23.86
CA HIS H 10 16.00 -25.06 23.00
C HIS H 10 15.55 -24.08 21.93
N ASN H 11 14.29 -24.16 21.55
CA ASN H 11 13.78 -23.23 20.60
C ASN H 11 13.92 -21.83 21.16
N ALA H 12 13.68 -21.68 22.45
CA ALA H 12 13.81 -20.36 23.10
C ALA H 12 15.26 -19.91 23.18
N ILE H 13 16.17 -20.88 23.18
CA ILE H 13 17.59 -20.63 23.25
C ILE H 13 18.08 -20.22 21.88
N GLU H 14 17.52 -20.86 20.85
CA GLU H 14 17.87 -20.58 19.48
C GLU H 14 17.36 -19.20 19.09
N LYS H 15 16.20 -18.77 19.58
CA LYS H 15 15.80 -17.43 19.24
C LYS H 15 16.77 -16.44 19.87
N ARG H 16 17.26 -16.73 21.07
CA ARG H 16 18.20 -15.86 21.77
C ARG H 16 19.38 -15.71 20.83
N TYR H 17 19.91 -16.86 20.44
CA TYR H 17 21.03 -16.92 19.53
C TYR H 17 20.77 -16.12 18.26
N ARG H 18 19.69 -16.43 17.57
CA ARG H 18 19.39 -15.74 16.34
C ARG H 18 19.37 -14.25 16.51
N SER H 19 18.85 -13.78 17.65
CA SER H 19 18.79 -12.37 17.93
C SER H 19 20.14 -11.77 18.31
N SER H 20 21.07 -12.62 18.73
CA SER H 20 22.39 -12.12 19.08
C SER H 20 23.04 -11.61 17.81
N ILE H 21 22.60 -12.18 16.69
CA ILE H 21 23.10 -11.84 15.39
C ILE H 21 22.27 -10.74 14.75
N ASN H 22 20.95 -10.91 14.76
CA ASN H 22 20.06 -9.95 14.17
C ASN H 22 20.11 -8.60 14.79
N ASP H 23 20.15 -8.56 16.10
CA ASP H 23 20.23 -7.30 16.83
C ASP H 23 21.45 -6.54 16.37
N LYS H 24 22.48 -7.28 15.99
CA LYS H 24 23.74 -6.70 15.57
C LYS H 24 23.73 -6.23 14.15
N ILE H 25 22.97 -6.92 13.30
CA ILE H 25 22.86 -6.49 11.92
C ILE H 25 22.05 -5.16 11.92
N ILE H 26 21.05 -5.05 12.81
CA ILE H 26 20.27 -3.83 12.93
C ILE H 26 21.18 -2.67 13.36
N GLU H 27 22.15 -2.96 14.23
CA GLU H 27 23.11 -1.95 14.67
C GLU H 27 23.93 -1.51 13.47
N LEU H 28 24.40 -2.47 12.68
CA LEU H 28 25.18 -2.14 11.49
C LEU H 28 24.30 -1.37 10.52
N LYS H 29 23.02 -1.70 10.48
CA LYS H 29 22.12 -1.04 9.58
C LYS H 29 22.02 0.43 9.93
N ASP H 30 21.76 0.72 11.18
CA ASP H 30 21.64 2.09 11.64
C ASP H 30 22.89 2.91 11.32
N LEU H 31 24.04 2.24 11.21
CA LEU H 31 25.29 2.92 10.90
C LEU H 31 25.45 3.17 9.41
N VAL H 32 24.94 2.29 8.56
CA VAL H 32 25.13 2.50 7.15
C VAL H 32 23.99 3.19 6.41
N VAL H 33 22.76 2.98 6.85
CA VAL H 33 21.64 3.59 6.17
C VAL H 33 20.73 4.31 7.14
N GLY H 34 21.07 4.27 8.43
CA GLY H 34 20.22 4.96 9.37
C GLY H 34 19.01 4.15 9.75
N THR H 35 18.23 4.77 10.61
CA THR H 35 17.04 4.22 11.22
C THR H 35 15.72 4.16 10.44
N GLU H 36 15.46 5.12 9.57
CA GLU H 36 14.19 5.13 8.84
C GLU H 36 14.13 4.14 7.72
N ALA H 37 15.28 3.83 7.13
CA ALA H 37 15.34 2.90 6.03
C ALA H 37 15.04 1.45 6.36
N LYS H 38 14.91 0.67 5.30
CA LYS H 38 14.65 -0.73 5.39
C LYS H 38 15.64 -1.26 4.40
N LEU H 39 16.47 -2.19 4.84
CA LEU H 39 17.46 -2.76 3.98
C LEU H 39 17.64 -4.16 4.48
N ASN H 40 17.71 -5.10 3.56
CA ASN H 40 17.83 -6.49 3.95
C ASN H 40 19.20 -6.75 4.58
N LYS H 41 19.28 -7.78 5.41
CA LYS H 41 20.51 -8.15 6.09
C LYS H 41 21.69 -8.25 5.21
N SER H 42 21.60 -8.96 4.10
CA SER H 42 22.79 -9.11 3.27
C SER H 42 23.29 -7.78 2.74
N ALA H 43 22.38 -6.84 2.57
CA ALA H 43 22.76 -5.54 2.05
C ALA H 43 23.37 -4.67 3.14
N VAL H 44 22.90 -4.84 4.38
CA VAL H 44 23.48 -4.14 5.52
C VAL H 44 24.95 -4.61 5.59
N LEU H 45 25.17 -5.93 5.58
CA LEU H 45 26.51 -6.49 5.64
C LEU H 45 27.37 -6.03 4.51
N ARG H 46 26.87 -6.11 3.26
CA ARG H 46 27.62 -5.63 2.09
C ARG H 46 28.06 -4.16 2.28
N LYS H 47 27.15 -3.31 2.73
CA LYS H 47 27.47 -1.90 2.97
C LYS H 47 28.50 -1.74 4.08
N ALA H 48 28.30 -2.45 5.18
CA ALA H 48 29.20 -2.36 6.31
C ALA H 48 30.58 -2.78 5.84
N ILE H 49 30.64 -3.81 5.00
CA ILE H 49 31.94 -4.30 4.50
C ILE H 49 32.60 -3.22 3.69
N ASP H 50 31.84 -2.62 2.78
CA ASP H 50 32.39 -1.60 1.92
C ASP H 50 32.69 -0.31 2.62
N TYR H 51 31.95 -0.03 3.68
CA TYR H 51 32.18 1.18 4.45
C TYR H 51 33.51 1.05 5.20
N ILE H 52 33.71 -0.09 5.85
CA ILE H 52 34.93 -0.38 6.57
C ILE H 52 36.09 -0.26 5.62
N ARG H 53 36.00 -0.89 4.44
CA ARG H 53 37.10 -0.79 3.49
C ARG H 53 37.31 0.63 3.01
N PHE H 54 36.22 1.34 2.77
CA PHE H 54 36.29 2.74 2.35
C PHE H 54 36.99 3.62 3.42
N LEU H 55 36.60 3.45 4.68
CA LEU H 55 37.22 4.19 5.78
C LEU H 55 38.68 3.77 5.96
N GLN H 56 38.96 2.48 5.80
CA GLN H 56 40.31 1.98 5.91
C GLN H 56 41.18 2.69 4.92
N HIS H 57 40.76 2.75 3.66
CA HIS H 57 41.57 3.43 2.68
C HIS H 57 41.58 4.94 2.86
N SER H 58 40.45 5.51 3.22
CA SER H 58 40.38 6.93 3.42
C SER H 58 41.39 7.30 4.48
N ASN H 59 41.36 6.58 5.60
CA ASN H 59 42.25 6.82 6.73
C ASN H 59 43.73 6.62 6.42
N GLN H 60 44.05 5.58 5.66
CA GLN H 60 45.42 5.27 5.25
C GLN H 60 45.98 6.39 4.36
N LYS H 61 45.14 6.87 3.45
CA LYS H 61 45.48 7.94 2.54
C LYS H 61 45.73 9.22 3.32
N LEU H 62 44.88 9.52 4.29
CA LEU H 62 45.07 10.72 5.11
C LEU H 62 46.33 10.59 5.91
N LYS H 63 46.65 9.36 6.28
CA LYS H 63 47.85 9.11 7.06
C LYS H 63 49.08 9.34 6.19
N GLN H 64 49.04 8.84 4.96
CA GLN H 64 50.14 9.01 4.02
C GLN H 64 50.39 10.50 3.81
N GLU H 65 49.29 11.20 3.55
CA GLU H 65 49.25 12.63 3.31
C GLU H 65 49.80 13.37 4.49
N ASN H 66 49.28 13.06 5.67
CA ASN H 66 49.71 13.69 6.92
C ASN H 66 51.18 13.47 7.21
N LEU H 67 51.73 12.40 6.68
CA LEU H 67 53.14 12.09 6.87
C LEU H 67 53.93 13.15 6.12
N SER H 68 53.68 13.23 4.82
CA SER H 68 54.32 14.20 3.94
C SER H 68 54.12 15.58 4.51
N LEU H 69 52.87 15.97 4.69
CA LEU H 69 52.60 17.29 5.23
C LEU H 69 53.43 17.57 6.48
N ARG H 70 53.60 16.55 7.30
CA ARG H 70 54.35 16.69 8.54
C ARG H 70 55.83 16.88 8.25
N THR H 71 56.32 16.08 7.32
CA THR H 71 57.70 16.12 6.93
C THR H 71 58.01 17.39 6.13
N ALA H 72 57.01 17.86 5.39
CA ALA H 72 57.15 19.07 4.60
C ALA H 72 57.39 20.16 5.62
N VAL H 73 56.56 20.16 6.65
CA VAL H 73 56.66 21.11 7.76
C VAL H 73 58.11 21.12 8.21
N HIS H 74 58.65 19.92 8.43
CA HIS H 74 60.04 19.76 8.85
C HIS H 74 60.97 20.45 7.85
N LYS H 75 60.85 20.02 6.60
CA LYS H 75 61.66 20.56 5.51
C LYS H 75 61.13 21.93 5.13
N SER H 76 61.05 22.78 6.14
CA SER H 76 60.57 24.15 6.00
C SER H 76 60.81 24.80 7.36
#